data_4OHN
#
_entry.id   4OHN
#
_cell.length_a   87.125
_cell.length_b   87.125
_cell.length_c   70.949
_cell.angle_alpha   90.000
_cell.angle_beta   90.000
_cell.angle_gamma   120.000
#
_symmetry.space_group_name_H-M   'P 61'
#
loop_
_entity.id
_entity.type
_entity.pdbx_description
1 polymer 'ABC transporter substrate-binding protein'
2 non-polymer HISTIDINE
3 non-polymer 'ACETATE ION'
4 water water
#
_entity_poly.entity_id   1
_entity_poly.type   'polypeptide(L)'
_entity_poly.pdbx_seq_one_letter_code
;SNASETSGDNWSKYQSNKSITIGFDSTFVPMGFAQKDGSYAGFDIDLATAVFEKYGITVNWQPIDWDLKEAELTKGTIDL
IWNGYSATDERREKVAFSNSYMKNEQVLVTKKSSGITTAKDMTGKTLGAQAGSSGYADFEANPEILKNIVANKEANQYQT
FNEALIDLKNDRIDGLLIDRVYANYYLEAEGVLNDYNVFTVGLETEAFAVGSRKEDTTLVKKINEAFSSLYKDGKFQEIS
QKWFGEDVATKEVKEGQ
;
_entity_poly.pdbx_strand_id   A
#
loop_
_chem_comp.id
_chem_comp.type
_chem_comp.name
_chem_comp.formula
ACT non-polymer 'ACETATE ION' 'C2 H3 O2 -1'
#
# COMPACT_ATOMS: atom_id res chain seq x y z
N THR A 6 -2.54 -12.95 27.29
CA THR A 6 -3.06 -11.58 27.33
C THR A 6 -4.39 -11.52 26.58
N SER A 7 -5.30 -10.67 27.05
CA SER A 7 -6.68 -10.68 26.55
C SER A 7 -6.81 -10.37 25.05
N GLY A 8 -5.98 -9.46 24.55
CA GLY A 8 -6.03 -9.03 23.16
C GLY A 8 -5.16 -9.85 22.24
N ASP A 9 -4.53 -10.92 22.75
N ASP A 9 -4.45 -10.83 22.78
CA ASP A 9 -3.70 -11.84 21.95
CA ASP A 9 -3.82 -11.79 21.93
C ASP A 9 -4.58 -12.98 21.42
C ASP A 9 -4.92 -12.75 21.55
N ASN A 10 -5.24 -12.76 20.28
CA ASN A 10 -6.36 -13.54 19.79
C ASN A 10 -6.01 -14.69 18.88
N TRP A 11 -4.72 -15.04 18.81
CA TRP A 11 -4.30 -16.14 17.96
C TRP A 11 -5.16 -17.39 18.12
N SER A 12 -5.43 -17.77 19.36
CA SER A 12 -6.16 -19.02 19.58
C SER A 12 -7.55 -18.96 18.96
N LYS A 13 -8.15 -17.78 18.92
CA LYS A 13 -9.45 -17.59 18.28
C LYS A 13 -9.35 -17.75 16.76
N TYR A 14 -8.37 -17.10 16.14
CA TYR A 14 -8.24 -17.23 14.68
C TYR A 14 -8.00 -18.68 14.32
N GLN A 15 -7.16 -19.35 15.10
CA GLN A 15 -6.81 -20.73 14.85
C GLN A 15 -8.02 -21.67 15.01
N SER A 16 -8.80 -21.45 16.07
N SER A 16 -8.81 -21.47 16.06
CA SER A 16 -9.95 -22.30 16.34
CA SER A 16 -9.95 -22.36 16.31
C SER A 16 -11.06 -22.07 15.32
C SER A 16 -11.12 -22.07 15.38
N ASN A 17 -11.30 -20.80 15.00
CA ASN A 17 -12.33 -20.43 14.05
C ASN A 17 -11.91 -20.73 12.61
N LYS A 18 -10.63 -20.98 12.42
CA LYS A 18 -10.04 -21.18 11.09
C LYS A 18 -10.32 -20.01 10.16
N SER A 19 -10.30 -18.81 10.71
CA SER A 19 -10.67 -17.63 9.96
C SER A 19 -9.99 -16.39 10.53
N ILE A 20 -9.62 -15.47 9.64
CA ILE A 20 -9.10 -14.18 10.05
C ILE A 20 -9.63 -13.16 9.02
N THR A 21 -9.92 -11.94 9.48
CA THR A 21 -10.43 -10.90 8.60
C THR A 21 -9.34 -9.91 8.27
N ILE A 22 -9.13 -9.67 6.98
CA ILE A 22 -8.08 -8.79 6.52
C ILE A 22 -8.68 -7.64 5.71
N GLY A 23 -8.33 -6.43 6.12
CA GLY A 23 -8.82 -5.24 5.46
C GLY A 23 -7.84 -4.72 4.42
N PHE A 24 -8.41 -4.13 3.37
CA PHE A 24 -7.65 -3.65 2.22
C PHE A 24 -8.43 -2.62 1.43
N ASP A 25 -7.69 -1.73 0.79
CA ASP A 25 -8.22 -0.80 -0.22
C ASP A 25 -8.32 -1.62 -1.52
N SER A 26 -9.54 -1.90 -1.96
CA SER A 26 -9.75 -2.80 -3.10
C SER A 26 -9.48 -2.17 -4.45
N THR A 27 -8.85 -0.99 -4.47
CA THR A 27 -8.31 -0.45 -5.71
C THR A 27 -6.79 -0.52 -5.77
N PHE A 28 -6.11 -0.98 -4.72
CA PHE A 28 -4.66 -0.80 -4.65
C PHE A 28 -3.89 -1.90 -5.40
N VAL A 29 -3.76 -1.70 -6.69
CA VAL A 29 -2.99 -2.61 -7.54
C VAL A 29 -1.51 -2.46 -7.27
N PRO A 30 -0.72 -3.53 -7.48
CA PRO A 30 -1.13 -4.90 -7.75
C PRO A 30 -1.26 -5.71 -6.47
N MET A 31 -1.49 -5.04 -5.33
CA MET A 31 -1.41 -5.73 -4.04
C MET A 31 -2.71 -6.44 -3.68
N GLY A 32 -3.83 -5.77 -3.81
CA GLY A 32 -5.12 -6.37 -3.54
C GLY A 32 -6.19 -5.49 -4.12
N PHE A 33 -6.93 -6.04 -5.07
CA PHE A 33 -7.83 -5.20 -5.86
C PHE A 33 -8.95 -6.01 -6.49
N ALA A 34 -10.07 -5.35 -6.75
CA ALA A 34 -11.20 -5.92 -7.44
C ALA A 34 -10.88 -6.03 -8.92
N GLN A 35 -11.01 -7.25 -9.45
CA GLN A 35 -10.74 -7.53 -10.85
C GLN A 35 -11.95 -7.26 -11.74
N LYS A 36 -11.85 -7.60 -13.02
CA LYS A 36 -12.89 -7.28 -13.96
C LYS A 36 -14.18 -7.98 -13.59
N ASP A 37 -14.12 -9.11 -12.90
CA ASP A 37 -15.32 -9.83 -12.46
C ASP A 37 -15.73 -9.53 -11.01
N GLY A 38 -15.05 -8.58 -10.38
CA GLY A 38 -15.36 -8.20 -9.01
C GLY A 38 -14.69 -9.03 -7.95
N SER A 39 -14.01 -10.10 -8.33
CA SER A 39 -13.26 -10.92 -7.37
C SER A 39 -11.94 -10.24 -7.02
N TYR A 40 -11.37 -10.58 -5.88
CA TYR A 40 -10.17 -9.92 -5.42
C TYR A 40 -8.92 -10.71 -5.81
N ALA A 41 -7.90 -9.99 -6.24
CA ALA A 41 -6.62 -10.60 -6.63
C ALA A 41 -5.48 -9.66 -6.29
N GLY A 42 -4.28 -10.21 -6.28
CA GLY A 42 -3.09 -9.42 -6.12
C GLY A 42 -2.00 -10.13 -5.35
N PHE A 43 -0.86 -9.48 -5.29
CA PHE A 43 0.29 -10.02 -4.55
C PHE A 43 -0.04 -10.32 -3.11
N ASP A 44 -0.67 -9.38 -2.42
CA ASP A 44 -1.02 -9.61 -1.02
C ASP A 44 -2.13 -10.62 -0.87
N ILE A 45 -3.08 -10.67 -1.81
CA ILE A 45 -4.11 -11.69 -1.75
C ILE A 45 -3.44 -13.06 -1.78
N ASP A 46 -2.53 -13.25 -2.73
CA ASP A 46 -1.82 -14.52 -2.85
C ASP A 46 -0.93 -14.81 -1.64
N LEU A 47 -0.21 -13.80 -1.18
CA LEU A 47 0.75 -13.99 -0.09
C LEU A 47 0.02 -14.30 1.22
N ALA A 48 -1.02 -13.55 1.55
CA ALA A 48 -1.77 -13.78 2.78
C ALA A 48 -2.47 -15.14 2.73
N THR A 49 -3.01 -15.50 1.59
CA THR A 49 -3.64 -16.81 1.43
C THR A 49 -2.62 -17.91 1.76
N ALA A 50 -1.42 -17.80 1.20
CA ALA A 50 -0.37 -18.79 1.41
C ALA A 50 0.11 -18.81 2.86
N VAL A 51 0.20 -17.64 3.49
CA VAL A 51 0.57 -17.59 4.91
C VAL A 51 -0.45 -18.32 5.76
N PHE A 52 -1.73 -18.01 5.58
CA PHE A 52 -2.73 -18.59 6.45
C PHE A 52 -3.03 -20.05 6.12
N GLU A 53 -2.74 -20.47 4.90
CA GLU A 53 -2.78 -21.88 4.53
C GLU A 53 -1.88 -22.73 5.43
N LYS A 54 -0.76 -22.18 5.86
N LYS A 54 -0.77 -22.17 5.87
CA LYS A 54 0.17 -22.92 6.71
CA LYS A 54 0.15 -22.92 6.74
C LYS A 54 -0.50 -23.32 8.03
C LYS A 54 -0.56 -23.39 8.00
N TYR A 55 -1.57 -22.62 8.42
CA TYR A 55 -2.25 -22.85 9.70
C TYR A 55 -3.68 -23.36 9.53
N GLY A 56 -4.06 -23.65 8.30
CA GLY A 56 -5.40 -24.10 8.01
C GLY A 56 -6.47 -23.03 8.16
N ILE A 57 -6.07 -21.76 8.06
CA ILE A 57 -6.94 -20.61 8.25
C ILE A 57 -7.32 -20.02 6.90
N THR A 58 -8.62 -19.76 6.74
CA THR A 58 -9.18 -19.12 5.55
C THR A 58 -9.29 -17.62 5.80
N VAL A 59 -8.89 -16.82 4.83
CA VAL A 59 -9.00 -15.37 4.95
C VAL A 59 -10.37 -14.90 4.51
N ASN A 60 -10.96 -14.05 5.35
CA ASN A 60 -12.12 -13.26 5.01
C ASN A 60 -11.65 -11.87 4.60
N TRP A 61 -11.71 -11.59 3.30
CA TRP A 61 -11.27 -10.32 2.76
C TRP A 61 -12.35 -9.28 2.91
N GLN A 62 -12.02 -8.18 3.57
CA GLN A 62 -12.96 -7.10 3.81
C GLN A 62 -12.47 -5.80 3.17
N PRO A 63 -13.07 -5.39 2.05
CA PRO A 63 -12.68 -4.07 1.55
C PRO A 63 -13.03 -3.00 2.58
N ILE A 64 -12.14 -2.04 2.74
CA ILE A 64 -12.34 -0.94 3.68
C ILE A 64 -12.13 0.40 2.98
N ASP A 65 -12.62 1.43 3.63
CA ASP A 65 -12.27 2.80 3.31
C ASP A 65 -10.87 3.02 3.90
N TRP A 66 -9.90 3.31 3.04
CA TRP A 66 -8.50 3.42 3.48
C TRP A 66 -8.36 4.51 4.55
N ASP A 67 -9.22 5.52 4.54
CA ASP A 67 -9.22 6.56 5.55
C ASP A 67 -9.49 6.04 6.95
N LEU A 68 -10.21 4.94 7.05
CA LEU A 68 -10.71 4.42 8.30
C LEU A 68 -9.93 3.21 8.82
N LYS A 69 -8.82 2.87 8.19
CA LYS A 69 -8.16 1.60 8.48
C LYS A 69 -7.75 1.43 9.93
N GLU A 70 -7.26 2.48 10.58
CA GLU A 70 -6.87 2.38 11.98
C GLU A 70 -8.10 2.11 12.84
N ALA A 71 -9.17 2.82 12.57
CA ALA A 71 -10.41 2.65 13.33
C ALA A 71 -10.96 1.23 13.16
N GLU A 72 -10.96 0.73 11.94
N GLU A 72 -10.94 0.71 11.95
CA GLU A 72 -11.43 -0.64 11.66
CA GLU A 72 -11.48 -0.63 11.71
C GLU A 72 -10.66 -1.62 12.51
C GLU A 72 -10.66 -1.69 12.42
N LEU A 73 -9.34 -1.50 12.46
CA LEU A 73 -8.46 -2.42 13.15
C LEU A 73 -8.66 -2.33 14.67
N THR A 74 -8.65 -1.11 15.20
CA THR A 74 -8.78 -0.92 16.64
C THR A 74 -10.13 -1.40 17.16
N LYS A 75 -11.20 -1.17 16.41
CA LYS A 75 -12.54 -1.57 16.83
C LYS A 75 -12.84 -3.04 16.60
N GLY A 76 -11.99 -3.73 15.85
CA GLY A 76 -12.12 -5.16 15.65
C GLY A 76 -12.93 -5.64 14.46
N THR A 77 -13.29 -4.73 13.56
N THR A 77 -13.26 -4.74 13.54
CA THR A 77 -14.02 -5.14 12.37
CA THR A 77 -14.01 -5.15 12.34
C THR A 77 -13.10 -5.81 11.35
C THR A 77 -13.09 -5.74 11.27
N ILE A 78 -11.80 -5.56 11.45
CA ILE A 78 -10.76 -6.33 10.73
C ILE A 78 -9.69 -6.73 11.74
N ASP A 79 -8.88 -7.75 11.40
CA ASP A 79 -7.82 -8.24 12.28
C ASP A 79 -6.42 -7.86 11.78
N LEU A 80 -6.29 -7.52 10.50
CA LEU A 80 -5.03 -7.13 9.88
C LEU A 80 -5.30 -6.13 8.82
N ILE A 81 -4.33 -5.24 8.61
CA ILE A 81 -4.26 -4.38 7.43
C ILE A 81 -3.14 -4.95 6.56
N TRP A 82 -3.49 -5.38 5.35
CA TRP A 82 -2.52 -6.07 4.49
C TRP A 82 -2.88 -5.71 3.05
N ASN A 83 -2.15 -4.74 2.51
CA ASN A 83 -2.50 -4.09 1.23
C ASN A 83 -1.46 -3.05 0.89
N GLY A 84 -0.23 -3.47 0.64
CA GLY A 84 0.82 -2.50 0.44
C GLY A 84 0.87 -1.47 1.55
N TYR A 85 0.80 -1.96 2.79
CA TYR A 85 0.70 -1.09 3.94
C TYR A 85 2.11 -0.67 4.38
N SER A 86 2.44 0.60 4.20
CA SER A 86 3.80 1.09 4.49
C SER A 86 4.05 1.17 5.98
N ALA A 87 5.15 0.56 6.41
CA ALA A 87 5.53 0.51 7.82
C ALA A 87 6.32 1.73 8.20
N THR A 88 5.62 2.72 8.73
CA THR A 88 6.21 4.02 9.06
C THR A 88 6.29 4.21 10.56
N ASP A 89 7.19 5.09 11.00
CA ASP A 89 7.35 5.36 12.42
C ASP A 89 6.07 5.86 13.05
N GLU A 90 5.38 6.76 12.35
CA GLU A 90 4.11 7.29 12.82
C GLU A 90 3.12 6.15 13.08
N ARG A 91 3.02 5.20 12.15
CA ARG A 91 2.07 4.11 12.32
C ARG A 91 2.46 3.15 13.43
N ARG A 92 3.76 3.03 13.70
CA ARG A 92 4.23 2.17 14.80
C ARG A 92 3.77 2.67 16.16
N GLU A 93 3.35 3.93 16.24
CA GLU A 93 2.78 4.44 17.50
C GLU A 93 1.37 3.86 17.74
N LYS A 94 0.75 3.30 16.70
CA LYS A 94 -0.66 2.93 16.75
C LYS A 94 -0.94 1.44 16.50
N VAL A 95 -0.07 0.80 15.73
CA VAL A 95 -0.24 -0.61 15.36
C VAL A 95 1.09 -1.34 15.45
N ALA A 96 1.03 -2.67 15.42
CA ALA A 96 2.21 -3.51 15.33
C ALA A 96 2.39 -3.97 13.89
N PHE A 97 3.62 -4.28 13.51
CA PHE A 97 3.94 -4.75 12.18
C PHE A 97 4.68 -6.09 12.19
N SER A 98 4.33 -6.91 11.21
CA SER A 98 5.19 -8.03 10.81
C SER A 98 6.52 -7.52 10.31
N ASN A 99 7.45 -8.44 10.07
CA ASN A 99 8.61 -8.13 9.27
C ASN A 99 8.14 -7.58 7.91
N SER A 100 8.94 -6.71 7.34
N SER A 100 8.95 -6.72 7.33
CA SER A 100 8.63 -6.20 6.02
CA SER A 100 8.64 -6.19 6.01
C SER A 100 8.82 -7.31 4.98
C SER A 100 8.93 -7.21 4.91
N TYR A 101 8.13 -7.17 3.85
CA TYR A 101 8.24 -8.19 2.79
C TYR A 101 8.57 -7.64 1.42
N MET A 102 8.62 -6.33 1.29
N MET A 102 8.53 -6.31 1.26
CA MET A 102 9.23 -5.74 0.13
CA MET A 102 8.75 -5.63 -0.04
C MET A 102 9.40 -4.25 0.31
C MET A 102 9.17 -4.16 0.16
N LYS A 103 10.14 -3.68 -0.62
CA LYS A 103 10.45 -2.25 -0.62
C LYS A 103 9.45 -1.50 -1.50
N ASN A 104 9.33 -0.21 -1.23
CA ASN A 104 8.47 0.65 -2.02
C ASN A 104 9.02 2.06 -1.96
N GLU A 105 8.65 2.87 -2.95
CA GLU A 105 9.04 4.26 -2.99
C GLU A 105 7.85 5.10 -3.37
N GLN A 106 7.79 6.30 -2.82
CA GLN A 106 6.81 7.29 -3.25
C GLN A 106 7.36 8.04 -4.45
N VAL A 107 6.56 8.12 -5.48
CA VAL A 107 6.95 8.80 -6.73
C VAL A 107 5.92 9.86 -7.06
N LEU A 108 6.34 10.75 -7.95
N LEU A 108 6.33 10.83 -7.87
CA LEU A 108 5.45 11.73 -8.56
CA LEU A 108 5.41 11.68 -8.59
C LEU A 108 5.16 11.27 -9.99
C LEU A 108 5.13 11.11 -9.96
N VAL A 109 3.87 11.25 -10.35
CA VAL A 109 3.43 10.93 -11.70
C VAL A 109 2.88 12.21 -12.33
N THR A 110 3.36 12.55 -13.53
CA THR A 110 2.90 13.72 -14.28
C THR A 110 2.65 13.29 -15.71
N LYS A 111 1.81 14.01 -16.44
CA LYS A 111 1.71 13.76 -17.88
C LYS A 111 3.01 14.09 -18.57
N LYS A 112 3.40 13.33 -19.59
CA LYS A 112 4.58 13.71 -20.34
C LYS A 112 4.41 15.08 -20.98
N SER A 113 3.19 15.42 -21.36
CA SER A 113 2.96 16.72 -21.98
C SER A 113 3.28 17.89 -21.05
N SER A 114 3.31 17.66 -19.73
CA SER A 114 3.66 18.71 -18.78
C SER A 114 5.14 19.10 -18.84
N GLY A 115 5.98 18.18 -19.30
CA GLY A 115 7.40 18.40 -19.26
C GLY A 115 8.02 18.40 -17.88
N ILE A 116 7.25 17.98 -16.87
CA ILE A 116 7.70 17.98 -15.47
C ILE A 116 8.32 16.63 -15.15
N THR A 117 9.62 16.63 -14.86
CA THR A 117 10.34 15.41 -14.51
C THR A 117 11.13 15.58 -13.20
N THR A 118 10.87 16.67 -12.48
CA THR A 118 11.53 16.94 -11.22
C THR A 118 10.56 17.67 -10.31
N ALA A 119 10.72 17.49 -9.00
CA ALA A 119 9.85 18.15 -8.02
C ALA A 119 9.90 19.67 -8.18
N LYS A 120 11.05 20.26 -8.47
CA LYS A 120 11.07 21.71 -8.53
C LYS A 120 10.20 22.29 -9.64
N ASP A 121 9.90 21.51 -10.67
CA ASP A 121 9.04 22.00 -11.72
C ASP A 121 7.55 21.84 -11.38
N MET A 122 7.26 21.41 -10.15
CA MET A 122 5.90 21.49 -9.59
C MET A 122 5.61 22.82 -8.92
N THR A 123 6.54 23.76 -9.01
CA THR A 123 6.38 25.06 -8.38
C THR A 123 5.11 25.70 -8.93
N GLY A 124 4.18 26.04 -8.03
CA GLY A 124 2.94 26.67 -8.43
C GLY A 124 1.93 25.75 -9.10
N LYS A 125 2.27 24.46 -9.20
CA LYS A 125 1.41 23.46 -9.86
C LYS A 125 0.57 22.71 -8.81
N THR A 126 -0.50 22.06 -9.26
N THR A 126 -0.52 22.08 -9.25
CA THR A 126 -1.46 21.39 -8.39
CA THR A 126 -1.44 21.39 -8.34
C THR A 126 -1.05 19.95 -8.16
C THR A 126 -1.11 19.92 -8.15
N LEU A 127 -0.92 19.57 -6.89
CA LEU A 127 -0.61 18.21 -6.48
C LEU A 127 -1.83 17.49 -5.95
N GLY A 128 -1.95 16.21 -6.28
CA GLY A 128 -2.92 15.31 -5.66
C GLY A 128 -2.24 14.21 -4.84
N ALA A 129 -3.02 13.61 -3.96
CA ALA A 129 -2.56 12.53 -3.07
C ALA A 129 -3.75 11.73 -2.59
N GLN A 130 -3.48 10.50 -2.17
CA GLN A 130 -4.49 9.70 -1.47
C GLN A 130 -4.53 10.12 -0.02
N ALA A 131 -5.72 10.50 0.44
CA ALA A 131 -5.88 11.14 1.75
C ALA A 131 -5.31 10.32 2.87
N GLY A 132 -5.56 9.02 2.84
CA GLY A 132 -5.16 8.13 3.93
C GLY A 132 -3.79 7.50 3.76
N SER A 133 -3.05 7.96 2.76
CA SER A 133 -1.78 7.31 2.41
C SER A 133 -0.58 7.78 3.21
N SER A 134 0.40 6.90 3.28
CA SER A 134 1.68 7.24 3.88
C SER A 134 2.35 8.36 3.06
N GLY A 135 2.12 8.37 1.77
CA GLY A 135 2.66 9.43 0.93
C GLY A 135 2.18 10.81 1.37
N TYR A 136 0.89 10.93 1.61
CA TYR A 136 0.38 12.22 2.07
C TYR A 136 0.98 12.61 3.40
N ALA A 137 1.14 11.63 4.31
CA ALA A 137 1.75 11.93 5.59
C ALA A 137 3.18 12.44 5.41
N ASP A 138 3.92 11.84 4.47
N ASP A 138 3.92 11.87 4.46
CA ASP A 138 5.27 12.27 4.12
CA ASP A 138 5.30 12.31 4.24
C ASP A 138 5.26 13.70 3.64
C ASP A 138 5.34 13.68 3.54
N PHE A 139 4.33 13.98 2.72
CA PHE A 139 4.19 15.31 2.12
C PHE A 139 4.10 16.38 3.20
N GLU A 140 3.32 16.12 4.24
N GLU A 140 3.32 16.12 4.24
CA GLU A 140 3.17 17.07 5.34
CA GLU A 140 3.16 17.06 5.33
C GLU A 140 4.41 17.11 6.23
C GLU A 140 4.39 17.11 6.23
N ALA A 141 5.02 15.95 6.45
CA ALA A 141 6.16 15.87 7.38
C ALA A 141 7.49 16.36 6.81
N ASN A 142 7.60 16.40 5.48
CA ASN A 142 8.83 16.84 4.81
C ASN A 142 8.51 17.98 3.87
N PRO A 143 8.10 19.13 4.43
CA PRO A 143 7.53 20.15 3.56
C PRO A 143 8.48 20.74 2.53
N GLU A 144 9.80 20.60 2.72
CA GLU A 144 10.76 21.13 1.77
C GLU A 144 10.73 20.42 0.42
N ILE A 145 10.28 19.17 0.41
CA ILE A 145 10.25 18.39 -0.82
C ILE A 145 9.22 18.85 -1.84
N LEU A 146 7.97 18.98 -1.42
CA LEU A 146 6.90 19.46 -2.29
C LEU A 146 5.99 20.48 -1.63
N LYS A 147 5.58 20.37 -0.43
N LYS A 147 5.60 20.33 -0.42
CA LYS A 147 4.54 21.20 0.12
CA LYS A 147 4.57 21.16 0.19
C LYS A 147 4.86 22.67 0.01
C LYS A 147 4.86 22.64 0.03
N ASN A 148 5.97 23.06 0.24
CA ASN A 148 6.40 24.45 0.23
C ASN A 148 6.31 25.09 -1.13
N ILE A 149 6.46 24.31 -2.18
CA ILE A 149 6.45 24.86 -3.54
C ILE A 149 5.20 24.65 -4.40
N VAL A 150 4.39 23.65 -4.09
CA VAL A 150 3.20 23.42 -4.88
C VAL A 150 2.12 24.46 -4.62
N ALA A 151 1.20 24.62 -5.55
CA ALA A 151 0.11 25.58 -5.40
C ALA A 151 -0.60 25.39 -4.07
N ASN A 152 -0.82 26.50 -3.37
CA ASN A 152 -1.54 26.53 -2.08
C ASN A 152 -0.91 25.75 -0.92
N LYS A 153 0.31 25.24 -1.12
CA LYS A 153 0.97 24.44 -0.10
C LYS A 153 0.05 23.34 0.42
N GLU A 154 -0.65 22.71 -0.50
CA GLU A 154 -1.66 21.69 -0.20
C GLU A 154 -1.62 20.59 -1.24
N ALA A 155 -2.23 19.46 -0.94
CA ALA A 155 -2.55 18.46 -1.94
C ALA A 155 -4.06 18.29 -2.01
N ASN A 156 -4.60 18.21 -3.22
N ASN A 156 -4.59 18.24 -3.23
CA ASN A 156 -5.97 17.83 -3.38
CA ASN A 156 -5.93 17.72 -3.47
C ASN A 156 -6.07 16.35 -3.04
C ASN A 156 -5.95 16.32 -2.92
N GLN A 157 -7.02 16.01 -2.18
N GLN A 157 -7.00 15.96 -2.19
CA GLN A 157 -7.10 14.68 -1.60
CA GLN A 157 -7.11 14.66 -1.56
C GLN A 157 -8.17 13.81 -2.24
C GLN A 157 -8.22 13.79 -2.13
N TYR A 158 -7.89 12.51 -2.26
CA TYR A 158 -8.74 11.50 -2.89
C TYR A 158 -8.79 10.26 -2.02
N GLN A 159 -9.95 9.62 -1.97
N GLN A 159 -9.95 9.62 -1.98
CA GLN A 159 -10.07 8.36 -1.25
CA GLN A 159 -10.10 8.36 -1.25
C GLN A 159 -9.22 7.27 -1.88
C GLN A 159 -9.28 7.24 -1.88
N THR A 160 -9.21 7.22 -3.21
CA THR A 160 -8.49 6.18 -3.98
C THR A 160 -7.57 6.82 -5.00
N PHE A 161 -6.50 6.10 -5.33
CA PHE A 161 -5.62 6.55 -6.39
C PHE A 161 -6.29 6.52 -7.77
N ASN A 162 -7.26 5.64 -7.98
N ASN A 162 -7.26 5.62 -7.97
CA ASN A 162 -7.90 5.57 -9.29
CA ASN A 162 -7.91 5.53 -9.27
C ASN A 162 -8.56 6.88 -9.65
C ASN A 162 -8.59 6.84 -9.65
N GLU A 163 -9.26 7.46 -8.68
CA GLU A 163 -9.88 8.76 -8.93
C GLU A 163 -8.84 9.83 -9.15
N ALA A 164 -7.79 9.83 -8.33
CA ALA A 164 -6.71 10.80 -8.48
C ALA A 164 -6.11 10.72 -9.88
N LEU A 165 -5.96 9.51 -10.39
CA LEU A 165 -5.39 9.29 -11.72
C LEU A 165 -6.33 9.77 -12.84
N ILE A 166 -7.64 9.60 -12.70
CA ILE A 166 -8.57 10.19 -13.64
C ILE A 166 -8.44 11.72 -13.60
N ASP A 167 -8.25 12.28 -12.43
CA ASP A 167 -8.10 13.72 -12.34
C ASP A 167 -6.79 14.18 -13.00
N LEU A 168 -5.70 13.44 -12.81
CA LEU A 168 -4.43 13.73 -13.50
C LEU A 168 -4.62 13.66 -15.02
N LYS A 169 -5.28 12.60 -15.50
CA LYS A 169 -5.56 12.42 -16.93
C LYS A 169 -6.32 13.60 -17.53
N ASN A 170 -7.17 14.22 -16.70
CA ASN A 170 -8.01 15.33 -17.12
C ASN A 170 -7.49 16.71 -16.76
N ASP A 171 -6.21 16.80 -16.38
CA ASP A 171 -5.54 18.07 -16.10
C ASP A 171 -6.09 18.79 -14.87
N ARG A 172 -6.82 18.09 -14.02
CA ARG A 172 -7.38 18.70 -12.83
C ARG A 172 -6.32 18.83 -11.74
N ILE A 173 -5.34 17.93 -11.76
CA ILE A 173 -4.10 18.04 -11.00
C ILE A 173 -2.95 17.91 -11.99
N ASP A 174 -1.80 18.45 -11.64
CA ASP A 174 -0.60 18.40 -12.49
C ASP A 174 0.34 17.26 -12.14
N GLY A 175 0.31 16.85 -10.88
CA GLY A 175 1.16 15.76 -10.41
C GLY A 175 0.42 15.00 -9.33
N LEU A 176 0.75 13.73 -9.21
CA LEU A 176 0.17 12.84 -8.22
C LEU A 176 1.28 12.13 -7.45
N LEU A 177 1.23 12.27 -6.12
CA LEU A 177 2.16 11.56 -5.24
C LEU A 177 1.57 10.18 -4.95
N ILE A 178 2.28 9.13 -5.30
CA ILE A 178 1.71 7.78 -5.32
C ILE A 178 2.80 6.72 -5.17
N ASP A 179 2.45 5.56 -4.65
CA ASP A 179 3.36 4.43 -4.56
C ASP A 179 3.84 3.99 -5.93
N ARG A 180 5.16 3.76 -6.06
CA ARG A 180 5.74 3.31 -7.32
C ARG A 180 5.16 1.97 -7.76
N VAL A 181 4.92 1.04 -6.83
N VAL A 181 4.94 1.09 -6.80
CA VAL A 181 4.40 -0.26 -7.26
CA VAL A 181 4.42 -0.23 -7.06
C VAL A 181 3.04 -0.11 -7.91
C VAL A 181 3.06 -0.17 -7.79
N TYR A 182 2.23 0.79 -7.39
CA TYR A 182 0.93 1.01 -8.01
C TYR A 182 1.09 1.66 -9.38
N ALA A 183 1.85 2.75 -9.44
CA ALA A 183 1.99 3.48 -10.69
C ALA A 183 2.50 2.57 -11.80
N ASN A 184 3.54 1.79 -11.52
CA ASN A 184 4.13 0.91 -12.54
C ASN A 184 3.09 -0.10 -13.06
N TYR A 185 2.38 -0.75 -12.16
CA TYR A 185 1.42 -1.77 -12.57
C TYR A 185 0.23 -1.14 -13.31
N TYR A 186 -0.34 -0.10 -12.72
CA TYR A 186 -1.50 0.56 -13.29
C TYR A 186 -1.22 1.05 -14.70
N LEU A 187 -0.11 1.77 -14.86
CA LEU A 187 0.14 2.40 -16.16
C LEU A 187 0.37 1.35 -17.23
N GLU A 188 1.04 0.27 -16.89
CA GLU A 188 1.24 -0.82 -17.85
C GLU A 188 -0.08 -1.52 -18.17
N ALA A 189 -0.89 -1.77 -17.15
CA ALA A 189 -2.16 -2.48 -17.36
C ALA A 189 -3.11 -1.69 -18.23
N GLU A 190 -3.07 -0.36 -18.10
N GLU A 190 -3.07 -0.36 -18.10
CA GLU A 190 -3.95 0.51 -18.86
CA GLU A 190 -3.92 0.55 -18.86
C GLU A 190 -3.33 0.94 -20.20
C GLU A 190 -3.38 0.82 -20.26
N GLY A 191 -2.10 0.50 -20.48
CA GLY A 191 -1.47 0.72 -21.77
C GLY A 191 -0.92 2.12 -21.98
N VAL A 192 -0.73 2.86 -20.89
CA VAL A 192 -0.38 4.28 -20.98
C VAL A 192 0.92 4.66 -20.26
N LEU A 193 1.82 3.71 -20.05
N LEU A 193 1.78 3.68 -20.00
CA LEU A 193 3.10 4.06 -19.43
CA LEU A 193 3.12 3.98 -19.47
C LEU A 193 3.86 5.12 -20.22
C LEU A 193 3.75 5.16 -20.20
N ASN A 194 3.67 5.13 -21.53
CA ASN A 194 4.36 6.10 -22.36
C ASN A 194 3.62 7.44 -22.50
N ASP A 195 2.58 7.65 -21.70
CA ASP A 195 1.91 8.94 -21.61
C ASP A 195 2.30 9.69 -20.34
N TYR A 196 3.05 9.08 -19.43
CA TYR A 196 3.33 9.66 -18.11
C TYR A 196 4.79 9.55 -17.72
N ASN A 197 5.25 10.51 -16.91
CA ASN A 197 6.53 10.44 -16.23
C ASN A 197 6.31 9.94 -14.81
N VAL A 198 7.21 9.08 -14.34
CA VAL A 198 7.14 8.51 -13.01
C VAL A 198 8.52 8.63 -12.40
N PHE A 199 8.65 9.38 -11.30
CA PHE A 199 9.98 9.64 -10.77
C PHE A 199 9.96 9.91 -9.28
N THR A 200 11.02 9.48 -8.60
CA THR A 200 11.16 9.76 -7.17
C THR A 200 11.55 11.23 -6.98
N VAL A 201 11.30 11.72 -5.76
CA VAL A 201 11.48 13.12 -5.42
C VAL A 201 12.22 13.29 -4.10
N GLY A 202 12.97 12.28 -3.71
CA GLY A 202 13.88 12.39 -2.58
C GLY A 202 13.27 12.02 -1.25
N LEU A 203 12.09 11.41 -1.23
CA LEU A 203 11.55 10.86 0.01
C LEU A 203 12.31 9.58 0.32
N GLU A 204 12.38 9.21 1.59
CA GLU A 204 13.10 7.99 1.91
C GLU A 204 12.28 6.78 1.50
N THR A 205 13.03 5.78 1.03
N THR A 205 12.96 5.69 1.16
CA THR A 205 12.50 4.49 0.62
CA THR A 205 12.25 4.49 0.79
C THR A 205 11.93 3.82 1.84
C THR A 205 11.30 4.03 1.90
N GLU A 206 10.85 3.09 1.62
N GLU A 206 10.27 3.30 1.49
CA GLU A 206 10.09 2.49 2.71
CA GLU A 206 9.36 2.64 2.41
C GLU A 206 9.86 1.02 2.43
C GLU A 206 9.58 1.12 2.29
N ALA A 207 8.99 0.41 3.23
CA ALA A 207 8.77 -1.03 3.12
C ALA A 207 7.34 -1.34 3.51
N PHE A 208 6.79 -2.34 2.84
CA PHE A 208 5.47 -2.86 3.15
C PHE A 208 5.57 -3.94 4.22
N ALA A 209 4.61 -3.94 5.12
CA ALA A 209 4.50 -4.97 6.15
C ALA A 209 3.02 -5.15 6.46
N VAL A 210 2.72 -6.09 7.35
CA VAL A 210 1.36 -6.40 7.74
C VAL A 210 1.08 -5.78 9.09
N GLY A 211 -0.01 -5.03 9.19
CA GLY A 211 -0.38 -4.37 10.43
C GLY A 211 -1.40 -5.14 11.25
N SER A 212 -1.18 -5.17 12.57
CA SER A 212 -2.10 -5.79 13.52
C SER A 212 -2.29 -4.88 14.71
N ARG A 213 -3.31 -5.19 15.49
CA ARG A 213 -3.45 -4.58 16.81
C ARG A 213 -2.18 -4.88 17.63
N LYS A 214 -1.73 -3.92 18.43
CA LYS A 214 -0.51 -4.12 19.20
C LYS A 214 -0.53 -5.37 20.05
N GLU A 215 -1.68 -5.73 20.59
CA GLU A 215 -1.79 -6.85 21.49
C GLU A 215 -1.73 -8.22 20.81
N ASP A 216 -1.92 -8.24 19.49
CA ASP A 216 -1.94 -9.49 18.72
C ASP A 216 -0.51 -9.99 18.39
N THR A 217 0.28 -10.22 19.45
CA THR A 217 1.69 -10.50 19.27
C THR A 217 1.96 -11.88 18.70
N THR A 218 1.15 -12.86 19.06
CA THR A 218 1.34 -14.21 18.55
C THR A 218 1.05 -14.26 17.05
N LEU A 219 -0.03 -13.61 16.64
CA LEU A 219 -0.39 -13.49 15.22
C LEU A 219 0.78 -12.95 14.38
N VAL A 220 1.45 -11.92 14.88
CA VAL A 220 2.58 -11.35 14.15
C VAL A 220 3.71 -12.36 13.99
N LYS A 221 4.02 -13.09 15.06
N LYS A 221 4.02 -13.09 15.06
CA LYS A 221 5.04 -14.13 14.98
CA LYS A 221 5.03 -14.16 14.99
C LYS A 221 4.65 -15.23 13.99
C LYS A 221 4.65 -15.21 13.96
N LYS A 222 3.38 -15.60 13.95
CA LYS A 222 2.92 -16.61 13.00
C LYS A 222 3.02 -16.14 11.55
N ILE A 223 2.78 -14.87 11.30
CA ILE A 223 2.96 -14.34 9.94
C ILE A 223 4.46 -14.42 9.61
N ASN A 224 5.31 -13.97 10.52
CA ASN A 224 6.76 -13.99 10.24
C ASN A 224 7.29 -15.40 10.02
N GLU A 225 6.86 -16.35 10.83
CA GLU A 225 7.30 -17.73 10.65
C GLU A 225 6.85 -18.28 9.30
N ALA A 226 5.64 -17.94 8.88
CA ALA A 226 5.17 -18.38 7.57
C ALA A 226 6.00 -17.73 6.46
N PHE A 227 6.36 -16.46 6.59
CA PHE A 227 7.26 -15.88 5.59
C PHE A 227 8.53 -16.74 5.46
N SER A 228 9.11 -17.19 6.57
CA SER A 228 10.34 -17.99 6.48
C SER A 228 10.16 -19.24 5.63
N SER A 229 9.01 -19.90 5.74
CA SER A 229 8.73 -21.08 4.91
C SER A 229 8.56 -20.68 3.47
N LEU A 230 7.81 -19.60 3.23
CA LEU A 230 7.45 -19.22 1.86
C LEU A 230 8.66 -18.76 1.07
N TYR A 231 9.67 -18.23 1.74
CA TYR A 231 10.90 -17.83 1.06
C TYR A 231 11.67 -19.01 0.50
N LYS A 232 11.61 -20.15 1.17
CA LYS A 232 12.36 -21.31 0.73
C LYS A 232 11.56 -22.36 0.02
N ASP A 233 10.23 -22.32 0.09
CA ASP A 233 9.44 -23.35 -0.59
C ASP A 233 9.05 -23.02 -2.02
N GLY A 234 9.54 -21.88 -2.51
CA GLY A 234 9.28 -21.45 -3.88
C GLY A 234 8.07 -20.53 -4.02
N LYS A 235 7.22 -20.47 -3.01
CA LYS A 235 5.96 -19.77 -3.17
C LYS A 235 6.13 -18.25 -3.22
N PHE A 236 6.98 -17.69 -2.35
CA PHE A 236 7.17 -16.25 -2.41
C PHE A 236 7.69 -15.82 -3.77
N GLN A 237 8.66 -16.57 -4.29
CA GLN A 237 9.21 -16.27 -5.59
C GLN A 237 8.18 -16.39 -6.70
N GLU A 238 7.35 -17.43 -6.64
CA GLU A 238 6.30 -17.61 -7.62
C GLU A 238 5.35 -16.41 -7.62
N ILE A 239 4.90 -15.99 -6.44
CA ILE A 239 3.96 -14.87 -6.34
C ILE A 239 4.62 -13.57 -6.82
N SER A 240 5.88 -13.39 -6.47
CA SER A 240 6.63 -12.21 -6.87
C SER A 240 6.76 -12.11 -8.39
N GLN A 241 7.09 -13.24 -9.02
N GLN A 241 7.10 -13.23 -9.02
CA GLN A 241 7.25 -13.26 -10.46
CA GLN A 241 7.25 -13.27 -10.45
C GLN A 241 5.92 -12.99 -11.16
C GLN A 241 5.93 -12.97 -11.14
N LYS A 242 4.85 -13.53 -10.59
CA LYS A 242 3.53 -13.39 -11.16
C LYS A 242 3.13 -11.92 -11.24
N TRP A 243 3.37 -11.16 -10.17
CA TRP A 243 2.89 -9.78 -10.11
C TRP A 243 3.92 -8.73 -10.53
N PHE A 244 5.21 -9.03 -10.41
CA PHE A 244 6.27 -8.04 -10.61
C PHE A 244 7.30 -8.39 -11.67
N GLY A 245 7.34 -9.63 -12.11
CA GLY A 245 8.36 -10.07 -13.05
C GLY A 245 9.78 -10.01 -12.51
N GLU A 246 9.90 -10.02 -11.18
CA GLU A 246 11.21 -9.96 -10.53
C GLU A 246 11.04 -10.47 -9.11
N ASP A 247 12.16 -10.69 -8.43
CA ASP A 247 12.20 -11.10 -7.04
C ASP A 247 12.28 -9.88 -6.12
N VAL A 248 11.16 -9.57 -5.44
CA VAL A 248 11.08 -8.38 -4.60
C VAL A 248 11.47 -8.69 -3.16
N ALA A 249 11.99 -9.88 -2.92
CA ALA A 249 12.34 -10.28 -1.57
C ALA A 249 13.40 -9.33 -1.03
N THR A 250 13.29 -9.02 0.26
CA THR A 250 14.18 -8.04 0.89
C THR A 250 15.56 -8.63 1.19
N LYS A 251 15.88 -9.78 0.59
CA LYS A 251 17.20 -10.38 0.71
C LYS A 251 17.94 -10.36 -0.61
N HIS B . 1.42 2.47 0.79
CA HIS B . 0.42 3.52 1.10
C HIS B . -0.09 3.38 2.51
O HIS B . 0.31 2.42 3.21
CB HIS B . -0.72 3.58 0.04
CG HIS B . -1.78 2.53 0.13
ND1 HIS B . -3.10 2.83 -0.17
CD2 HIS B . -1.74 1.20 0.36
CE1 HIS B . -3.83 1.73 -0.09
NE2 HIS B . -3.02 0.72 0.23
OXT HIS B . -0.90 4.25 2.91
H1 HIS B . 1.36 2.24 -0.07
H2 HIS B . 2.24 2.79 0.95
H HIS B . 1.27 1.75 1.30
HA HIS B . 0.88 4.38 1.06
HB2 HIS B . -1.15 4.44 0.12
HB3 HIS B . -0.31 3.52 -0.84
HD2 HIS B . -0.99 0.69 0.58
HE1 HIS B . -4.75 1.68 -0.22
C ACT C . -4.57 7.48 -16.85
O ACT C . -4.45 8.06 -17.95
OXT ACT C . -5.30 6.46 -16.83
CH3 ACT C . -3.86 8.00 -15.65
H1 ACT C . -4.08 7.36 -14.80
H2 ACT C . -4.19 9.01 -15.43
H3 ACT C . -2.78 8.00 -15.83
C ACT D . -2.67 4.19 10.54
O ACT D . -2.51 3.53 9.50
OXT ACT D . -2.93 5.40 10.36
CH3 ACT D . -2.55 3.55 11.88
H1 ACT D . -2.72 4.30 12.65
H2 ACT D . -1.55 3.13 12.00
H3 ACT D . -3.29 2.75 11.98
#